data_1FL9
#
_entry.id   1FL9
#
_cell.length_a   76.400
_cell.length_b   73.000
_cell.length_c   96.800
_cell.angle_alpha   90.00
_cell.angle_beta   110.20
_cell.angle_gamma   90.00
#
_symmetry.space_group_name_H-M   'C 1 2 1'
#
loop_
_entity.id
_entity.type
_entity.pdbx_description
1 polymer 'HYPOTHETICAL PROTEIN HI0065'
2 non-polymer 'MERCURY (II) ION'
3 water water
#
_entity_poly.entity_id   1
_entity_poly.type   'polypeptide(L)'
_entity_poly.pdbx_seq_one_letter_code
;GSHMESLTQYIPDEFSMLRFGKKFAEILLKLHTEKAIMVYLNGDLGAGKTTLTRGMLQGIGHQGNVKSPTYTLVEEYNIA
GKMIYHFDLYRLADPEELEFMGIRDYFNTDSICLIEWSEKGQGILPEADILVNIDYYDDARNIELIAQTNLGKNIISAFS
N
;
_entity_poly.pdbx_strand_id   A,B,C
#
loop_
_chem_comp.id
_chem_comp.type
_chem_comp.name
_chem_comp.formula
HG non-polymer 'MERCURY (II) ION' 'Hg 2'
#
# COMPACT_ATOMS: atom_id res chain seq x y z
N MET A 4 18.93 20.91 -25.50
CA MET A 4 19.37 22.16 -24.90
C MET A 4 19.57 22.00 -23.40
N GLU A 5 19.22 20.90 -22.80
CA GLU A 5 19.51 20.53 -21.42
C GLU A 5 19.71 19.01 -21.33
N SER A 6 20.93 18.60 -21.07
CA SER A 6 21.25 17.17 -21.04
C SER A 6 21.27 16.65 -19.63
N LEU A 7 21.50 15.36 -19.45
CA LEU A 7 21.52 14.72 -18.14
C LEU A 7 21.68 13.22 -18.39
N THR A 8 22.77 12.71 -17.81
CA THR A 8 23.06 11.26 -17.99
C THR A 8 23.03 10.51 -16.68
N GLN A 9 22.57 9.26 -16.70
CA GLN A 9 22.31 8.44 -15.52
C GLN A 9 22.71 6.99 -15.77
N TYR A 10 23.43 6.48 -14.76
CA TYR A 10 23.93 5.12 -14.79
C TYR A 10 22.92 4.19 -14.09
N ILE A 11 22.59 3.12 -14.78
CA ILE A 11 21.64 2.10 -14.33
C ILE A 11 22.29 0.72 -14.29
N PRO A 12 22.78 0.28 -13.12
CA PRO A 12 23.48 -0.96 -12.98
C PRO A 12 22.75 -2.25 -13.28
N ASP A 13 21.47 -2.32 -12.96
CA ASP A 13 20.63 -3.47 -13.17
C ASP A 13 19.15 -3.12 -13.08
N GLU A 14 18.27 -4.09 -12.88
CA GLU A 14 16.84 -3.95 -12.84
C GLU A 14 16.32 -2.85 -11.93
N PHE A 15 16.42 -3.11 -10.63
CA PHE A 15 16.00 -2.23 -9.57
C PHE A 15 16.43 -0.80 -9.81
N SER A 16 17.47 -0.48 -10.60
CA SER A 16 17.86 0.92 -10.79
C SER A 16 16.99 1.59 -11.88
N MET A 17 16.42 0.75 -12.73
CA MET A 17 15.60 1.21 -13.84
C MET A 17 14.22 1.59 -13.29
N LEU A 18 13.91 0.84 -12.24
CA LEU A 18 12.71 1.02 -11.45
C LEU A 18 12.79 2.18 -10.50
N ARG A 19 13.83 2.38 -9.66
CA ARG A 19 13.91 3.55 -8.78
C ARG A 19 13.83 4.75 -9.76
N PHE A 20 14.78 4.74 -10.70
CA PHE A 20 14.81 5.76 -11.72
C PHE A 20 13.52 5.80 -12.52
N GLY A 21 13.10 4.65 -13.04
CA GLY A 21 11.82 4.66 -13.80
C GLY A 21 10.80 5.45 -12.98
N LYS A 22 10.39 4.86 -11.86
CA LYS A 22 9.42 5.45 -10.95
C LYS A 22 9.78 6.82 -10.39
N LYS A 23 11.04 7.25 -10.39
CA LYS A 23 11.48 8.53 -9.84
C LYS A 23 11.20 9.70 -10.81
N PHE A 24 11.05 9.30 -12.07
CA PHE A 24 10.91 10.17 -13.20
C PHE A 24 9.52 10.80 -13.31
N ALA A 25 8.53 9.97 -13.09
CA ALA A 25 7.14 10.26 -13.22
C ALA A 25 6.53 11.21 -12.21
N GLU A 26 6.91 11.07 -10.94
CA GLU A 26 6.38 12.00 -9.92
C GLU A 26 6.78 13.43 -10.24
N ILE A 27 8.02 13.61 -10.80
CA ILE A 27 8.36 14.97 -11.27
C ILE A 27 7.24 15.27 -12.30
N LEU A 28 7.17 14.43 -13.32
CA LEU A 28 6.11 14.52 -14.32
C LEU A 28 4.79 14.94 -13.71
N LEU A 29 4.23 14.27 -12.73
CA LEU A 29 2.97 14.50 -12.10
C LEU A 29 2.70 15.77 -11.32
N LYS A 30 3.73 16.54 -11.05
CA LYS A 30 3.50 17.78 -10.29
C LYS A 30 3.18 18.98 -11.17
N LEU A 31 3.59 18.89 -12.43
CA LEU A 31 3.26 20.01 -13.32
C LEU A 31 2.28 19.58 -14.37
N HIS A 32 1.25 20.42 -14.46
CA HIS A 32 0.12 20.26 -15.37
C HIS A 32 0.60 20.49 -16.79
N THR A 33 -0.36 20.75 -17.69
CA THR A 33 -0.04 20.87 -19.09
C THR A 33 -0.94 21.73 -19.95
N GLU A 34 -0.31 22.53 -20.83
CA GLU A 34 -1.08 23.30 -21.84
C GLU A 34 -1.18 22.38 -23.07
N LYS A 35 0.03 22.09 -23.52
CA LYS A 35 0.23 21.08 -24.55
C LYS A 35 0.98 19.99 -23.75
N ALA A 36 0.45 18.78 -23.68
CA ALA A 36 1.01 17.71 -22.86
C ALA A 36 2.52 17.51 -22.95
N ILE A 37 3.02 16.81 -21.92
CA ILE A 37 4.43 16.59 -21.72
C ILE A 37 4.91 15.55 -22.73
N MET A 38 5.54 15.98 -23.82
CA MET A 38 6.00 14.92 -24.73
C MET A 38 7.15 14.20 -24.05
N VAL A 39 7.25 12.88 -24.17
CA VAL A 39 8.33 12.11 -23.61
C VAL A 39 8.67 10.94 -24.55
N TYR A 40 9.81 11.03 -25.21
CA TYR A 40 10.24 10.04 -26.18
C TYR A 40 11.17 8.94 -25.68
N LEU A 41 10.76 7.68 -25.82
CA LEU A 41 11.55 6.51 -25.47
C LEU A 41 12.36 6.02 -26.66
N ASN A 42 13.67 5.84 -26.47
CA ASN A 42 14.59 5.55 -27.54
C ASN A 42 15.78 4.65 -27.26
N GLY A 43 15.78 3.37 -27.64
CA GLY A 43 17.00 2.57 -27.41
C GLY A 43 17.01 1.43 -28.41
N ASP A 44 18.06 0.61 -28.29
CA ASP A 44 18.04 -0.58 -29.18
C ASP A 44 16.87 -1.40 -28.62
N LEU A 45 16.11 -2.05 -29.48
CA LEU A 45 15.06 -2.91 -28.87
C LEU A 45 15.71 -3.67 -27.71
N GLY A 46 14.94 -3.92 -26.65
CA GLY A 46 15.36 -4.76 -25.55
C GLY A 46 16.53 -4.23 -24.74
N ALA A 47 16.45 -2.93 -24.46
CA ALA A 47 17.53 -2.25 -23.76
C ALA A 47 17.07 -1.48 -22.54
N GLY A 48 16.04 -1.90 -21.86
CA GLY A 48 15.56 -1.17 -20.67
C GLY A 48 14.37 -0.25 -21.01
N LYS A 49 13.67 -0.63 -22.05
CA LYS A 49 12.54 0.09 -22.61
C LYS A 49 11.27 -0.06 -21.78
N THR A 50 10.81 -1.30 -21.78
CA THR A 50 9.61 -1.72 -21.06
C THR A 50 9.90 -1.55 -19.57
N THR A 51 10.96 -2.23 -19.14
CA THR A 51 11.41 -2.12 -17.77
C THR A 51 11.18 -0.69 -17.25
N LEU A 52 11.63 0.29 -18.02
CA LEU A 52 11.49 1.71 -17.63
C LEU A 52 10.01 2.08 -17.56
N THR A 53 9.33 1.84 -18.68
CA THR A 53 7.92 2.12 -18.86
C THR A 53 7.09 1.69 -17.65
N ARG A 54 7.09 0.41 -17.35
CA ARG A 54 6.49 -0.12 -16.14
C ARG A 54 6.95 0.70 -14.92
N GLY A 55 8.28 0.74 -14.77
CA GLY A 55 8.88 1.50 -13.66
C GLY A 55 8.13 2.81 -13.45
N MET A 56 7.83 3.49 -14.55
CA MET A 56 7.06 4.68 -14.63
C MET A 56 5.60 4.54 -14.20
N LEU A 57 4.86 3.58 -14.75
CA LEU A 57 3.46 3.37 -14.45
C LEU A 57 3.17 2.68 -13.12
N GLN A 58 3.88 1.61 -12.80
CA GLN A 58 3.70 0.89 -11.54
C GLN A 58 4.35 1.64 -10.39
N GLY A 59 5.33 2.50 -10.65
CA GLY A 59 5.91 3.33 -9.62
C GLY A 59 4.88 4.39 -9.19
N ILE A 60 3.68 4.30 -9.73
CA ILE A 60 2.59 5.20 -9.46
C ILE A 60 1.35 4.61 -8.82
N GLY A 61 0.98 3.40 -9.19
CA GLY A 61 -0.19 2.73 -8.62
C GLY A 61 -0.79 1.73 -9.60
N HIS A 62 -0.06 1.32 -10.63
CA HIS A 62 -0.54 0.34 -11.58
C HIS A 62 -0.40 -1.09 -11.01
N GLN A 63 -1.48 -1.56 -10.41
CA GLN A 63 -1.58 -2.94 -9.97
C GLN A 63 -2.06 -3.77 -11.19
N GLY A 64 -1.13 -4.41 -11.87
CA GLY A 64 -1.47 -5.19 -13.06
C GLY A 64 -0.27 -5.49 -13.94
N ASN A 65 -0.41 -5.30 -15.25
CA ASN A 65 0.73 -5.54 -16.12
C ASN A 65 0.75 -4.45 -17.16
N VAL A 66 1.93 -4.05 -17.62
CA VAL A 66 1.89 -3.09 -18.76
C VAL A 66 1.65 -3.95 -20.02
N LYS A 67 0.45 -3.89 -20.60
CA LYS A 67 0.08 -4.67 -21.76
C LYS A 67 0.93 -4.25 -22.98
N SER A 68 1.57 -5.21 -23.59
CA SER A 68 2.30 -4.89 -24.83
C SER A 68 1.40 -4.01 -25.72
N PRO A 69 1.84 -2.80 -26.03
CA PRO A 69 1.16 -1.94 -27.01
C PRO A 69 1.56 -2.23 -28.44
N THR A 70 1.71 -3.52 -28.82
CA THR A 70 2.19 -4.07 -30.07
C THR A 70 1.10 -4.27 -31.11
N TYR A 71 0.23 -5.23 -30.79
CA TYR A 71 -0.91 -5.51 -31.69
C TYR A 71 -1.76 -4.27 -31.88
N THR A 72 -1.55 -3.28 -31.01
CA THR A 72 -2.23 -2.01 -30.98
C THR A 72 -1.33 -0.81 -31.20
N LEU A 73 -1.55 0.25 -30.39
CA LEU A 73 -0.73 1.46 -30.55
C LEU A 73 -0.62 2.28 -29.27
N VAL A 74 -1.77 2.62 -28.72
CA VAL A 74 -1.90 3.43 -27.51
C VAL A 74 -2.67 2.58 -26.47
N GLU A 75 -1.95 2.13 -25.45
CA GLU A 75 -2.65 1.57 -24.27
C GLU A 75 -2.64 2.66 -23.20
N GLU A 76 -3.80 2.90 -22.59
CA GLU A 76 -3.85 4.03 -21.65
C GLU A 76 -4.21 3.70 -20.23
N TYR A 77 -3.84 4.64 -19.37
CA TYR A 77 -4.02 4.66 -17.96
C TYR A 77 -4.50 6.02 -17.46
N ASN A 78 -4.59 6.18 -16.14
CA ASN A 78 -5.02 7.46 -15.56
C ASN A 78 -4.63 7.49 -14.09
N ILE A 79 -3.74 8.43 -13.74
CA ILE A 79 -3.10 8.26 -12.43
C ILE A 79 -2.83 9.55 -11.71
N ALA A 80 -3.25 9.62 -10.44
CA ALA A 80 -3.02 10.74 -9.55
C ALA A 80 -3.15 12.11 -10.19
N GLY A 81 -4.29 12.33 -10.87
CA GLY A 81 -4.56 13.59 -11.54
C GLY A 81 -3.88 13.71 -12.91
N LYS A 82 -3.71 12.59 -13.61
CA LYS A 82 -3.07 12.54 -14.90
C LYS A 82 -3.63 11.36 -15.71
N MET A 83 -3.97 11.58 -16.96
CA MET A 83 -4.28 10.46 -17.87
C MET A 83 -2.91 9.94 -18.30
N ILE A 84 -2.78 8.79 -18.95
CA ILE A 84 -1.44 8.28 -19.37
C ILE A 84 -1.44 7.31 -20.52
N TYR A 85 -0.67 7.54 -21.60
CA TYR A 85 -0.74 6.73 -22.80
C TYR A 85 0.56 6.22 -23.37
N HIS A 86 0.71 4.88 -23.37
CA HIS A 86 1.96 4.35 -23.95
C HIS A 86 1.75 4.29 -25.45
N PHE A 87 2.78 4.37 -26.29
CA PHE A 87 2.63 4.28 -27.73
C PHE A 87 3.61 3.44 -28.50
N ASP A 88 3.21 2.43 -29.26
CA ASP A 88 4.18 1.75 -30.05
C ASP A 88 3.84 2.08 -31.49
N LEU A 89 4.82 2.77 -32.06
CA LEU A 89 4.83 3.27 -33.43
C LEU A 89 5.54 2.28 -34.35
N TYR A 90 5.79 1.06 -33.90
CA TYR A 90 6.51 0.13 -34.74
C TYR A 90 5.67 -0.40 -35.94
N ARG A 91 4.43 -0.80 -35.69
CA ARG A 91 3.65 -1.33 -36.82
C ARG A 91 3.01 -0.25 -37.67
N LEU A 92 3.27 0.98 -37.26
CA LEU A 92 2.80 2.15 -37.98
C LEU A 92 3.81 2.60 -39.04
N ALA A 93 3.34 2.64 -40.30
CA ALA A 93 4.06 3.37 -41.34
C ALA A 93 3.31 4.68 -41.65
N ASP A 94 1.98 4.63 -41.78
CA ASP A 94 1.18 5.80 -42.01
C ASP A 94 0.67 6.53 -40.79
N PRO A 95 1.06 7.81 -40.68
CA PRO A 95 0.59 8.69 -39.59
C PRO A 95 -0.92 8.85 -39.61
N GLU A 96 -1.56 8.31 -40.67
CA GLU A 96 -3.01 8.32 -40.81
C GLU A 96 -3.58 7.96 -39.42
N GLU A 97 -3.08 6.83 -38.95
CA GLU A 97 -3.41 6.27 -37.68
C GLU A 97 -2.93 7.11 -36.51
N LEU A 98 -1.96 8.02 -36.74
CA LEU A 98 -1.73 8.90 -35.60
C LEU A 98 -2.89 9.89 -35.50
N GLU A 99 -3.50 10.34 -36.59
CA GLU A 99 -4.58 11.31 -36.56
C GLU A 99 -5.91 10.85 -35.93
N PHE A 100 -6.01 9.56 -35.75
CA PHE A 100 -7.09 8.77 -35.25
C PHE A 100 -7.35 8.67 -33.77
N MET A 101 -6.32 8.54 -32.94
CA MET A 101 -6.49 8.54 -31.49
C MET A 101 -6.52 9.93 -30.89
N GLY A 102 -5.63 10.82 -31.32
CA GLY A 102 -5.49 12.17 -30.87
C GLY A 102 -6.84 12.88 -30.77
N ILE A 103 -7.80 12.44 -31.58
CA ILE A 103 -9.13 13.02 -31.58
C ILE A 103 -9.92 12.45 -30.40
N ARG A 104 -9.19 11.86 -29.45
CA ARG A 104 -9.77 11.25 -28.29
C ARG A 104 -9.42 11.86 -26.95
N ASP A 105 -8.93 13.08 -26.94
CA ASP A 105 -8.59 13.78 -25.69
C ASP A 105 -7.26 13.25 -25.14
N TYR A 106 -6.27 13.19 -26.03
CA TYR A 106 -4.98 12.61 -25.68
C TYR A 106 -3.86 13.64 -25.53
N PHE A 107 -4.15 14.86 -26.00
CA PHE A 107 -3.13 15.91 -26.03
C PHE A 107 -3.45 17.08 -25.14
N ASN A 108 -4.68 17.13 -24.64
CA ASN A 108 -5.15 18.17 -23.77
C ASN A 108 -4.69 18.20 -22.33
N THR A 109 -5.40 19.00 -21.49
CA THR A 109 -5.22 19.09 -20.06
C THR A 109 -5.00 17.68 -19.50
N ASP A 110 -4.18 17.57 -18.47
CA ASP A 110 -3.96 16.32 -17.78
C ASP A 110 -3.58 15.15 -18.69
N SER A 111 -2.60 15.35 -19.58
CA SER A 111 -2.28 14.23 -20.46
C SER A 111 -0.78 14.15 -20.71
N ILE A 112 -0.21 13.04 -20.28
CA ILE A 112 1.12 12.60 -20.44
C ILE A 112 1.20 11.31 -21.32
N CYS A 113 1.56 11.61 -22.54
CA CYS A 113 1.76 10.65 -23.64
C CYS A 113 3.24 10.23 -23.65
N LEU A 114 3.56 8.96 -23.37
CA LEU A 114 4.91 8.43 -23.50
C LEU A 114 4.94 7.43 -24.66
N ILE A 115 5.76 7.77 -25.65
CA ILE A 115 5.87 7.17 -26.96
C ILE A 115 7.18 6.48 -27.34
N GLU A 116 7.09 5.42 -28.15
CA GLU A 116 8.32 4.73 -28.60
C GLU A 116 8.31 4.77 -30.14
N TRP A 117 9.42 4.49 -30.78
CA TRP A 117 9.62 4.46 -32.21
C TRP A 117 9.18 5.69 -33.00
N SER A 118 9.51 6.85 -32.47
CA SER A 118 9.18 8.17 -32.90
C SER A 118 9.48 8.47 -34.36
N GLU A 119 10.01 7.51 -35.09
CA GLU A 119 10.29 7.84 -36.51
C GLU A 119 8.97 8.29 -37.12
N LYS A 120 7.92 7.47 -36.98
CA LYS A 120 6.64 7.70 -37.64
C LYS A 120 5.83 8.86 -37.10
N GLY A 121 6.06 9.18 -35.83
CA GLY A 121 5.36 10.29 -35.20
C GLY A 121 5.98 11.63 -35.51
N GLN A 122 6.10 11.98 -36.78
CA GLN A 122 6.69 13.26 -37.13
C GLN A 122 5.62 14.26 -37.53
N GLY A 123 4.44 13.81 -37.95
CA GLY A 123 3.44 14.76 -38.41
C GLY A 123 2.41 15.33 -37.46
N ILE A 124 1.54 14.43 -36.98
CA ILE A 124 0.48 14.86 -36.03
C ILE A 124 1.22 14.98 -34.68
N LEU A 125 2.01 13.92 -34.53
CA LEU A 125 2.85 13.73 -33.38
C LEU A 125 3.81 14.87 -33.13
N PRO A 126 3.62 15.51 -32.00
CA PRO A 126 4.42 16.65 -31.59
C PRO A 126 5.89 16.33 -31.45
N GLU A 127 6.63 17.34 -31.02
CA GLU A 127 8.07 17.20 -30.77
C GLU A 127 8.13 17.16 -29.22
N ALA A 128 9.03 16.35 -28.69
CA ALA A 128 9.12 16.10 -27.28
C ALA A 128 9.87 17.04 -26.36
N ASP A 129 9.20 17.42 -25.24
CA ASP A 129 9.85 18.22 -24.21
C ASP A 129 11.01 17.46 -23.59
N ILE A 130 11.04 16.14 -23.49
CA ILE A 130 12.09 15.35 -22.87
C ILE A 130 12.50 14.17 -23.76
N LEU A 131 13.69 14.26 -24.41
CA LEU A 131 14.07 13.10 -25.23
C LEU A 131 14.85 12.08 -24.42
N VAL A 132 14.26 10.91 -24.17
CA VAL A 132 14.86 9.85 -23.36
C VAL A 132 15.61 8.85 -24.22
N ASN A 133 16.94 8.83 -24.14
CA ASN A 133 17.75 7.89 -24.90
C ASN A 133 18.53 6.98 -23.96
N ILE A 134 18.40 5.66 -24.12
CA ILE A 134 18.86 4.62 -23.22
C ILE A 134 20.02 3.75 -23.71
N ASP A 135 21.22 3.88 -23.15
CA ASP A 135 22.40 3.11 -23.53
C ASP A 135 22.41 1.71 -22.88
N TYR A 136 23.00 0.69 -23.49
CA TYR A 136 23.03 -0.62 -22.82
C TYR A 136 24.01 -1.58 -23.42
N TYR A 137 24.96 -2.09 -22.60
CA TYR A 137 25.90 -3.05 -23.13
C TYR A 137 25.74 -4.47 -22.61
N ASP A 138 26.33 -4.74 -21.44
CA ASP A 138 26.30 -6.10 -20.93
C ASP A 138 25.27 -6.37 -19.87
N ASP A 139 25.28 -5.60 -18.78
CA ASP A 139 24.32 -5.90 -17.70
C ASP A 139 23.44 -4.67 -17.44
N ALA A 140 24.14 -3.54 -17.32
CA ALA A 140 23.64 -2.23 -17.03
C ALA A 140 23.21 -1.41 -18.24
N ARG A 141 22.82 -0.16 -17.97
CA ARG A 141 22.29 0.74 -18.99
C ARG A 141 22.66 2.20 -18.70
N ASN A 142 22.49 3.08 -19.67
CA ASN A 142 22.83 4.50 -19.49
C ASN A 142 21.61 5.27 -20.01
N ILE A 143 21.52 6.55 -19.87
CA ILE A 143 20.34 7.26 -20.35
C ILE A 143 20.43 8.78 -20.27
N GLU A 144 20.60 9.47 -21.37
CA GLU A 144 20.58 10.94 -21.22
C GLU A 144 19.10 11.33 -21.16
N LEU A 145 18.82 12.23 -20.25
CA LEU A 145 17.50 12.83 -20.09
C LEU A 145 17.71 14.24 -20.73
N ILE A 146 17.47 14.32 -22.01
CA ILE A 146 17.67 15.58 -22.71
C ILE A 146 16.35 16.25 -23.04
N ALA A 147 16.47 17.58 -23.10
CA ALA A 147 15.24 18.36 -23.23
C ALA A 147 15.40 19.32 -24.38
N GLN A 148 14.62 19.10 -25.43
CA GLN A 148 14.69 20.07 -26.53
C GLN A 148 13.90 21.35 -26.30
N THR A 149 12.81 21.29 -25.53
CA THR A 149 12.00 22.49 -25.27
C THR A 149 12.12 22.99 -23.86
N ASN A 150 11.19 23.84 -23.42
CA ASN A 150 11.17 24.51 -22.15
C ASN A 150 10.67 23.74 -20.94
N LEU A 151 9.81 22.75 -21.20
CA LEU A 151 9.30 21.92 -20.10
C LEU A 151 10.42 20.89 -19.80
N GLY A 152 11.12 20.62 -20.91
CA GLY A 152 12.25 19.68 -20.87
C GLY A 152 13.42 20.31 -20.13
N LYS A 153 13.72 21.56 -20.48
CA LYS A 153 14.77 22.27 -19.73
C LYS A 153 14.51 22.11 -18.23
N ASN A 154 13.26 22.26 -17.77
CA ASN A 154 12.99 22.22 -16.35
C ASN A 154 12.46 20.94 -15.79
N ILE A 155 12.03 19.97 -16.60
CA ILE A 155 11.73 18.65 -16.05
C ILE A 155 13.05 17.99 -15.64
N ILE A 156 14.02 18.00 -16.57
CA ILE A 156 15.35 17.46 -16.15
C ILE A 156 15.70 18.11 -14.80
N SER A 157 15.91 19.42 -14.82
CA SER A 157 16.31 20.23 -13.68
C SER A 157 15.66 19.80 -12.37
N ALA A 158 14.51 19.15 -12.49
CA ALA A 158 13.76 18.62 -11.39
C ALA A 158 14.45 17.47 -10.69
N PHE A 159 15.57 16.98 -11.19
CA PHE A 159 16.17 15.77 -10.64
C PHE A 159 17.32 16.02 -9.68
N SER A 160 17.34 17.08 -8.87
CA SER A 160 18.47 17.32 -7.96
C SER A 160 18.32 17.70 -6.52
N MET B 4 7.57 0.15 24.01
CA MET B 4 7.92 -1.20 24.46
C MET B 4 7.00 -2.24 23.85
N GLU B 5 5.79 -1.63 23.64
CA GLU B 5 4.72 -2.37 23.03
C GLU B 5 4.36 -1.77 21.69
N SER B 6 4.26 -2.63 20.67
CA SER B 6 4.01 -2.16 19.32
C SER B 6 2.99 -2.97 18.55
N LEU B 7 2.06 -2.19 18.00
CA LEU B 7 0.95 -2.70 17.21
C LEU B 7 0.85 -1.90 15.90
N THR B 8 0.95 -2.59 14.79
CA THR B 8 0.93 -1.99 13.48
C THR B 8 -0.29 -2.38 12.67
N GLN B 9 -1.29 -1.50 12.52
CA GLN B 9 -2.46 -1.94 11.77
C GLN B 9 -2.53 -1.43 10.35
N TYR B 10 -3.02 -2.28 9.42
CA TYR B 10 -3.23 -1.93 8.02
C TYR B 10 -4.64 -1.37 7.76
N ILE B 11 -4.76 -0.08 7.42
CA ILE B 11 -6.10 0.48 7.24
C ILE B 11 -6.55 0.64 5.80
N PRO B 12 -7.19 -0.37 5.22
CA PRO B 12 -7.71 -0.37 3.89
C PRO B 12 -8.72 0.69 3.55
N ASP B 13 -9.87 0.80 4.23
CA ASP B 13 -10.89 1.79 3.98
C ASP B 13 -11.48 2.32 5.32
N GLU B 14 -12.34 3.31 5.10
CA GLU B 14 -13.10 4.01 6.11
C GLU B 14 -13.64 2.98 7.09
N PHE B 15 -14.02 1.84 6.50
CA PHE B 15 -14.59 0.80 7.33
C PHE B 15 -13.62 0.32 8.35
N SER B 16 -12.34 0.38 8.00
CA SER B 16 -11.34 -0.08 8.93
C SER B 16 -11.00 0.90 10.04
N MET B 17 -10.75 2.15 9.64
CA MET B 17 -10.49 3.18 10.67
C MET B 17 -11.63 3.06 11.70
N LEU B 18 -12.75 2.47 11.28
CA LEU B 18 -13.92 2.38 12.10
C LEU B 18 -13.99 1.17 13.00
N ARG B 19 -14.07 -0.01 12.40
CA ARG B 19 -14.18 -1.15 13.36
C ARG B 19 -12.99 -1.05 14.31
N PHE B 20 -11.84 -0.61 13.77
CA PHE B 20 -10.66 -0.38 14.60
C PHE B 20 -10.94 0.57 15.75
N GLY B 21 -11.37 1.79 15.42
CA GLY B 21 -11.59 2.85 16.40
C GLY B 21 -12.40 2.35 17.57
N LYS B 22 -13.56 1.77 17.28
CA LYS B 22 -14.47 1.29 18.31
C LYS B 22 -13.80 0.23 19.19
N LYS B 23 -13.30 -0.83 18.55
CA LYS B 23 -12.68 -1.91 19.30
C LYS B 23 -11.48 -1.37 20.08
N PHE B 24 -10.77 -0.42 19.45
CA PHE B 24 -9.66 0.20 20.20
C PHE B 24 -10.24 0.43 21.60
N ALA B 25 -11.41 1.06 21.58
CA ALA B 25 -12.10 1.47 22.78
C ALA B 25 -12.89 0.46 23.58
N GLU B 26 -13.44 -0.59 22.99
CA GLU B 26 -14.22 -1.58 23.75
C GLU B 26 -13.31 -2.30 24.73
N ILE B 27 -12.14 -2.66 24.24
CA ILE B 27 -11.04 -3.25 25.01
C ILE B 27 -10.70 -2.38 26.24
N LEU B 28 -10.77 -1.09 26.01
CA LEU B 28 -10.37 0.03 26.76
C LEU B 28 -11.15 0.43 27.98
N LEU B 29 -12.45 0.70 27.89
CA LEU B 29 -13.19 1.15 29.06
C LEU B 29 -13.26 -0.03 30.08
N LYS B 30 -13.27 -1.20 29.46
CA LYS B 30 -13.28 -2.44 30.26
C LYS B 30 -12.12 -2.34 31.27
N LEU B 31 -11.06 -1.71 30.72
CA LEU B 31 -9.90 -1.39 31.50
C LEU B 31 -10.10 -0.18 32.40
N HIS B 32 -10.37 -0.57 33.67
CA HIS B 32 -10.58 0.33 34.73
C HIS B 32 -9.27 1.03 35.12
N THR B 33 -9.53 2.22 35.71
CA THR B 33 -8.35 2.96 36.04
C THR B 33 -8.56 4.08 37.04
N GLU B 34 -7.41 4.20 37.67
CA GLU B 34 -7.19 5.17 38.73
C GLU B 34 -7.12 6.57 38.16
N LYS B 35 -5.89 7.04 37.94
CA LYS B 35 -5.68 8.28 37.15
C LYS B 35 -5.84 7.80 35.70
N ALA B 36 -6.57 8.51 34.88
CA ALA B 36 -6.88 8.10 33.52
C ALA B 36 -5.85 7.65 32.51
N ILE B 37 -6.25 6.74 31.61
CA ILE B 37 -5.63 6.09 30.49
C ILE B 37 -5.47 7.04 29.29
N MET B 38 -4.27 7.37 28.85
CA MET B 38 -4.02 8.35 27.82
C MET B 38 -3.58 7.89 26.45
N VAL B 39 -4.00 8.70 25.47
CA VAL B 39 -3.74 8.42 24.06
C VAL B 39 -3.31 9.62 23.22
N TYR B 40 -2.20 9.47 22.45
CA TYR B 40 -1.76 10.46 21.48
C TYR B 40 -2.33 10.18 20.10
N LEU B 41 -3.22 11.08 19.65
CA LEU B 41 -3.71 10.93 18.26
C LEU B 41 -2.88 11.90 17.43
N ASN B 42 -1.83 11.35 16.82
CA ASN B 42 -0.83 12.14 16.10
C ASN B 42 -1.04 11.89 14.61
N GLY B 43 -1.16 13.00 13.86
CA GLY B 43 -1.41 12.75 12.46
C GLY B 43 -1.30 13.84 11.44
N ASP B 44 -1.24 13.32 10.19
CA ASP B 44 -1.18 14.26 9.06
C ASP B 44 -2.54 14.90 9.00
N LEU B 45 -2.54 16.23 9.26
CA LEU B 45 -3.89 16.84 9.15
C LEU B 45 -4.39 16.24 7.82
N GLY B 46 -5.51 15.55 7.94
CA GLY B 46 -6.11 14.94 6.75
C GLY B 46 -5.63 13.49 6.66
N ALA B 47 -5.55 12.83 7.83
CA ALA B 47 -5.15 11.43 7.82
C ALA B 47 -6.00 10.46 8.57
N GLY B 48 -7.24 10.69 8.99
CA GLY B 48 -8.09 9.75 9.71
C GLY B 48 -8.10 9.83 11.22
N LYS B 49 -7.97 11.03 11.79
CA LYS B 49 -7.89 11.22 13.22
C LYS B 49 -9.27 11.38 13.82
N THR B 50 -10.21 11.98 13.09
CA THR B 50 -11.59 11.89 13.61
C THR B 50 -12.31 10.70 13.02
N THR B 51 -11.79 10.10 11.93
CA THR B 51 -12.50 8.90 11.44
C THR B 51 -12.29 7.78 12.46
N LEU B 52 -11.32 7.98 13.35
CA LEU B 52 -11.06 7.14 14.50
C LEU B 52 -11.99 7.46 15.67
N THR B 53 -11.97 8.71 16.11
CA THR B 53 -12.78 9.16 17.22
C THR B 53 -14.24 8.80 16.99
N ARG B 54 -14.58 8.62 15.72
CA ARG B 54 -15.96 8.27 15.45
C ARG B 54 -16.17 6.80 15.70
N GLY B 55 -15.45 5.96 14.97
CA GLY B 55 -15.64 4.49 15.14
C GLY B 55 -15.49 4.18 16.63
N MET B 56 -14.77 5.07 17.31
CA MET B 56 -14.48 4.86 18.74
C MET B 56 -15.57 5.45 19.61
N LEU B 57 -16.11 6.63 19.26
CA LEU B 57 -17.09 7.29 20.12
C LEU B 57 -18.51 6.87 19.80
N GLN B 58 -18.78 6.49 18.54
CA GLN B 58 -20.07 5.95 18.11
C GLN B 58 -20.00 4.41 18.10
N GLY B 59 -18.75 3.95 18.12
CA GLY B 59 -18.56 2.48 18.17
C GLY B 59 -18.85 2.11 19.65
N ILE B 60 -18.21 2.91 20.52
CA ILE B 60 -18.55 2.66 21.94
C ILE B 60 -20.05 2.78 22.08
N GLY B 61 -20.70 3.84 21.62
CA GLY B 61 -22.14 3.96 21.67
C GLY B 61 -22.68 5.39 21.64
N HIS B 62 -22.16 6.22 20.75
CA HIS B 62 -22.61 7.59 20.63
C HIS B 62 -23.50 7.80 19.41
N GLN B 63 -24.68 8.37 19.64
CA GLN B 63 -25.63 8.64 18.56
C GLN B 63 -25.61 10.12 18.25
N GLY B 64 -24.99 10.45 17.13
CA GLY B 64 -24.86 11.89 16.82
C GLY B 64 -23.50 12.07 16.14
N ASN B 65 -23.15 13.35 16.12
CA ASN B 65 -21.90 13.67 15.43
C ASN B 65 -20.76 13.68 16.42
N VAL B 66 -19.64 13.02 16.06
CA VAL B 66 -18.46 13.10 16.93
C VAL B 66 -17.98 14.58 16.75
N LYS B 67 -18.34 15.38 17.75
CA LYS B 67 -18.04 16.82 17.70
C LYS B 67 -16.56 17.03 17.91
N SER B 68 -15.86 17.54 16.90
CA SER B 68 -14.42 17.79 16.90
C SER B 68 -13.96 19.17 17.40
N PRO B 69 -13.17 19.23 18.49
CA PRO B 69 -12.78 20.35 19.25
C PRO B 69 -11.92 21.52 18.98
N THR B 70 -10.95 21.73 18.14
CA THR B 70 -10.08 22.87 18.02
C THR B 70 -10.40 24.27 18.46
N TYR B 71 -11.48 24.96 18.15
CA TYR B 71 -11.69 26.34 18.67
C TYR B 71 -12.09 26.29 20.14
N THR B 72 -12.43 25.08 20.54
CA THR B 72 -12.62 24.58 21.87
C THR B 72 -11.26 23.89 22.21
N LEU B 73 -11.33 22.97 23.14
CA LEU B 73 -10.08 22.19 23.41
C LEU B 73 -10.63 20.87 23.89
N VAL B 74 -11.78 20.99 24.55
CA VAL B 74 -12.32 19.75 25.10
C VAL B 74 -13.76 19.52 24.76
N GLU B 75 -13.95 18.30 24.27
CA GLU B 75 -15.26 17.77 23.92
C GLU B 75 -15.56 16.56 24.81
N GLU B 76 -16.51 16.76 25.73
CA GLU B 76 -16.83 15.76 26.71
C GLU B 76 -17.83 14.75 26.17
N TYR B 77 -17.37 13.50 26.17
CA TYR B 77 -18.24 12.37 25.94
C TYR B 77 -18.33 11.62 27.27
N ASN B 78 -19.34 10.76 27.37
CA ASN B 78 -19.66 10.02 28.58
C ASN B 78 -20.28 8.71 28.03
N ILE B 79 -19.46 7.67 27.98
CA ILE B 79 -20.04 6.47 27.38
C ILE B 79 -20.33 5.38 28.32
N ALA B 80 -19.44 4.91 29.21
CA ALA B 80 -19.85 3.90 30.19
C ALA B 80 -19.56 4.31 31.63
N GLY B 81 -19.64 5.59 31.93
CA GLY B 81 -19.18 6.10 33.24
C GLY B 81 -17.72 6.60 33.01
N LYS B 82 -17.20 6.25 31.83
CA LYS B 82 -15.87 6.71 31.42
C LYS B 82 -16.08 8.03 30.66
N MET B 83 -15.80 9.16 31.30
CA MET B 83 -15.93 10.42 30.52
C MET B 83 -14.76 10.50 29.55
N ILE B 84 -15.04 10.45 28.26
CA ILE B 84 -14.01 10.51 27.23
C ILE B 84 -13.78 11.98 26.88
N TYR B 85 -12.53 12.35 26.81
CA TYR B 85 -12.23 13.80 26.69
C TYR B 85 -11.47 14.03 25.38
N HIS B 86 -12.03 14.80 24.46
CA HIS B 86 -11.35 14.97 23.16
C HIS B 86 -10.75 16.36 23.11
N PHE B 87 -9.39 16.36 23.15
CA PHE B 87 -8.72 17.62 23.05
C PHE B 87 -8.01 17.84 21.71
N ASP B 88 -8.32 19.04 21.19
CA ASP B 88 -7.63 19.51 19.97
C ASP B 88 -6.54 20.47 20.48
N LEU B 89 -5.31 19.92 20.49
CA LEU B 89 -4.26 20.78 21.06
C LEU B 89 -3.49 21.49 19.98
N TYR B 90 -4.26 22.08 19.07
CA TYR B 90 -3.71 22.75 17.92
C TYR B 90 -3.65 24.25 18.11
N ARG B 91 -4.83 24.88 18.11
CA ARG B 91 -4.80 26.34 18.24
C ARG B 91 -3.91 26.71 19.43
N LEU B 92 -3.84 25.81 20.39
CA LEU B 92 -3.12 26.04 21.63
C LEU B 92 -1.60 26.05 21.49
N ALA B 93 -0.93 27.19 21.66
CA ALA B 93 0.49 27.41 21.53
C ALA B 93 1.30 27.31 22.83
N ASP B 94 0.78 27.97 23.86
CA ASP B 94 1.35 27.96 25.22
C ASP B 94 0.56 26.98 26.09
N PRO B 95 1.27 26.29 26.98
CA PRO B 95 0.67 25.32 27.87
C PRO B 95 -0.25 25.94 28.91
N GLU B 96 -0.40 27.26 28.88
CA GLU B 96 -1.31 27.98 29.77
C GLU B 96 -2.66 27.28 29.93
N GLU B 97 -3.35 27.03 28.83
CA GLU B 97 -4.65 26.43 28.71
C GLU B 97 -4.71 24.95 29.07
N LEU B 98 -3.59 24.24 28.91
CA LEU B 98 -3.52 22.83 29.26
C LEU B 98 -3.88 22.61 30.73
N GLU B 99 -3.80 23.63 31.58
CA GLU B 99 -4.05 23.54 32.99
C GLU B 99 -5.49 23.85 33.39
N PHE B 100 -5.97 24.90 32.74
CA PHE B 100 -7.30 25.41 33.08
C PHE B 100 -8.31 24.29 33.07
N MET B 101 -8.17 23.32 32.16
CA MET B 101 -9.06 22.21 31.97
C MET B 101 -8.77 20.86 32.58
N GLY B 102 -7.79 20.70 33.46
CA GLY B 102 -7.43 19.41 34.01
C GLY B 102 -8.42 18.87 35.03
N ILE B 103 -8.68 19.64 36.05
CA ILE B 103 -9.31 19.42 37.27
C ILE B 103 -10.76 19.22 37.53
N ARG B 104 -11.76 19.86 36.90
CA ARG B 104 -13.15 19.57 37.33
C ARG B 104 -13.40 18.06 37.22
N ASP B 105 -13.19 17.56 35.98
CA ASP B 105 -13.30 16.15 35.69
C ASP B 105 -12.24 15.54 34.75
N TYR B 106 -11.25 16.15 34.16
CA TYR B 106 -10.49 15.51 33.12
C TYR B 106 -9.38 14.56 33.36
N PHE B 107 -8.25 15.04 33.88
CA PHE B 107 -7.14 14.10 34.06
C PHE B 107 -7.35 13.14 35.21
N ASN B 108 -8.33 13.27 36.10
CA ASN B 108 -8.46 12.58 37.33
C ASN B 108 -9.05 11.25 37.61
N THR B 109 -10.35 10.94 37.69
CA THR B 109 -10.90 9.67 38.14
C THR B 109 -11.57 8.79 37.09
N ASP B 110 -11.14 7.55 36.88
CA ASP B 110 -11.67 6.55 35.98
C ASP B 110 -11.91 7.00 34.55
N SER B 111 -11.06 7.86 33.97
CA SER B 111 -11.42 8.51 32.72
C SER B 111 -10.68 7.98 31.51
N ILE B 112 -10.87 8.64 30.38
CA ILE B 112 -10.20 8.36 29.13
C ILE B 112 -9.89 9.63 28.34
N CYS B 113 -8.59 9.90 28.21
CA CYS B 113 -8.09 11.10 27.60
C CYS B 113 -7.48 10.80 26.20
N LEU B 114 -8.23 11.25 25.19
CA LEU B 114 -7.86 11.22 23.79
C LEU B 114 -7.32 12.61 23.38
N ILE B 115 -6.01 12.69 23.15
CA ILE B 115 -5.49 14.04 22.91
C ILE B 115 -5.02 14.20 21.49
N GLU B 116 -5.54 15.21 20.81
CA GLU B 116 -4.99 15.59 19.52
C GLU B 116 -3.70 16.41 19.70
N TRP B 117 -2.56 15.98 19.18
CA TRP B 117 -1.32 16.67 19.20
C TRP B 117 -0.51 16.94 20.41
N SER B 118 0.33 16.00 20.80
CA SER B 118 1.26 16.05 21.89
C SER B 118 2.14 17.28 21.96
N GLU B 119 3.11 17.35 21.06
CA GLU B 119 4.07 18.41 20.97
C GLU B 119 3.59 19.72 21.58
N LYS B 120 2.29 20.02 21.44
CA LYS B 120 1.82 21.26 22.04
C LYS B 120 1.81 21.30 23.55
N GLY B 121 1.45 20.23 24.25
CA GLY B 121 1.42 20.21 25.72
C GLY B 121 2.50 19.31 26.32
N GLN B 122 3.74 19.75 26.09
CA GLN B 122 4.92 18.97 26.46
C GLN B 122 5.01 18.80 27.96
N GLY B 123 4.36 19.68 28.75
CA GLY B 123 4.50 19.70 30.16
C GLY B 123 3.45 19.29 31.11
N ILE B 124 2.25 19.83 31.04
CA ILE B 124 1.16 19.58 31.97
C ILE B 124 0.42 18.31 31.50
N LEU B 125 0.23 18.34 30.18
CA LEU B 125 -0.36 17.19 29.50
C LEU B 125 0.50 15.98 29.84
N PRO B 126 -0.06 15.12 30.69
CA PRO B 126 0.63 13.99 31.27
C PRO B 126 1.39 13.11 30.30
N GLU B 127 2.20 12.19 30.85
CA GLU B 127 2.89 11.21 29.98
C GLU B 127 1.81 10.38 29.26
N ALA B 128 2.06 9.91 28.04
CA ALA B 128 1.08 9.08 27.33
C ALA B 128 1.52 7.62 27.34
N ASP B 129 0.67 6.72 27.82
CA ASP B 129 0.95 5.30 27.87
C ASP B 129 0.79 4.65 26.50
N ILE B 130 -0.07 5.17 25.63
CA ILE B 130 -0.26 4.60 24.27
C ILE B 130 0.04 5.70 23.23
N LEU B 131 0.57 5.29 22.08
CA LEU B 131 0.76 6.23 21.00
C LEU B 131 0.02 5.77 19.75
N VAL B 132 -0.92 6.62 19.32
CA VAL B 132 -1.67 6.36 18.11
C VAL B 132 -1.03 7.12 16.94
N ASN B 133 -0.26 6.39 16.14
CA ASN B 133 0.44 6.99 15.01
C ASN B 133 -0.14 6.49 13.69
N ILE B 134 -0.66 7.43 12.89
CA ILE B 134 -1.28 7.08 11.63
C ILE B 134 -0.54 7.48 10.36
N ASP B 135 -0.51 6.49 9.46
CA ASP B 135 0.26 6.51 8.21
C ASP B 135 -0.54 6.11 6.98
N TYR B 136 -0.55 6.92 5.90
CA TYR B 136 -1.35 6.63 4.70
C TYR B 136 -1.02 7.52 3.50
N TYR B 137 -1.13 7.02 2.26
CA TYR B 137 -0.85 7.94 1.15
C TYR B 137 -1.96 7.98 0.13
N ASP B 138 -2.54 6.82 -0.16
CA ASP B 138 -3.50 6.74 -1.25
C ASP B 138 -4.83 6.23 -0.75
N ASP B 139 -4.89 4.94 -0.48
CA ASP B 139 -6.04 4.24 0.02
C ASP B 139 -5.74 3.65 1.44
N ALA B 140 -4.70 2.85 1.52
CA ALA B 140 -4.35 2.24 2.81
C ALA B 140 -3.74 3.23 3.77
N ARG B 141 -4.11 3.15 5.05
CA ARG B 141 -3.59 3.95 6.15
C ARG B 141 -2.93 2.91 7.10
N ASN B 142 -1.73 3.24 7.58
CA ASN B 142 -1.11 2.25 8.45
C ASN B 142 -0.89 2.77 9.86
N ILE B 143 -1.43 2.02 10.80
CA ILE B 143 -1.58 2.39 12.18
C ILE B 143 -0.43 1.88 13.03
N GLU B 144 0.24 2.76 13.78
CA GLU B 144 1.28 2.33 14.69
C GLU B 144 0.92 2.59 16.16
N LEU B 145 0.62 1.49 16.83
CA LEU B 145 0.19 1.50 18.21
C LEU B 145 1.31 0.97 19.12
N ILE B 146 1.83 1.85 19.96
CA ILE B 146 2.90 1.48 20.88
C ILE B 146 2.49 1.78 22.32
N ALA B 147 3.16 1.03 23.20
CA ALA B 147 2.83 1.23 24.60
C ALA B 147 3.91 2.17 25.15
N GLN B 148 3.61 2.65 26.34
CA GLN B 148 4.57 3.46 27.07
C GLN B 148 4.50 3.05 28.54
N THR B 149 3.45 2.27 28.79
CA THR B 149 3.24 1.81 30.14
C THR B 149 2.89 0.33 30.20
N ASN B 150 2.55 -0.07 31.42
CA ASN B 150 2.19 -1.43 31.70
C ASN B 150 0.76 -1.70 31.21
N LEU B 151 -0.04 -0.66 31.33
CA LEU B 151 -1.44 -0.75 30.89
C LEU B 151 -1.60 -0.28 29.44
N GLY B 152 -0.67 0.63 29.07
CA GLY B 152 -0.51 0.92 27.64
C GLY B 152 -0.13 -0.46 27.02
N LYS B 153 0.57 -1.27 27.81
CA LYS B 153 1.00 -2.60 27.41
C LYS B 153 -0.15 -3.60 27.29
N ASN B 154 -1.17 -3.55 28.13
CA ASN B 154 -2.29 -4.46 28.06
C ASN B 154 -3.42 -4.06 27.14
N ILE B 155 -3.53 -2.76 26.81
CA ILE B 155 -4.56 -2.38 25.83
C ILE B 155 -4.08 -2.80 24.43
N ILE B 156 -2.76 -2.88 24.28
CA ILE B 156 -2.10 -3.39 23.09
C ILE B 156 -2.17 -4.91 23.08
N SER B 157 -1.77 -5.57 24.17
CA SER B 157 -2.05 -7.00 24.30
C SER B 157 -3.57 -7.19 24.27
N ALA B 158 -4.30 -6.37 25.05
CA ALA B 158 -5.75 -6.41 25.07
C ALA B 158 -6.27 -6.31 23.62
N PHE B 159 -5.66 -5.44 22.83
CA PHE B 159 -5.97 -5.26 21.46
C PHE B 159 -6.13 -6.44 20.53
N SER B 160 -5.47 -7.54 20.80
CA SER B 160 -5.60 -8.80 20.07
C SER B 160 -6.95 -9.48 20.30
N MET C 4 1.97 -20.65 -15.11
CA MET C 4 1.23 -20.90 -16.34
C MET C 4 1.00 -19.60 -17.10
N GLU C 5 1.01 -18.50 -16.40
CA GLU C 5 0.92 -17.17 -16.96
C GLU C 5 1.43 -16.15 -15.93
N SER C 6 2.72 -15.86 -15.97
CA SER C 6 3.44 -14.95 -15.12
C SER C 6 2.96 -13.50 -15.11
N LEU C 7 2.91 -12.93 -13.91
CA LEU C 7 2.54 -11.51 -13.75
C LEU C 7 3.71 -10.82 -13.07
N THR C 8 3.63 -9.57 -12.65
CA THR C 8 4.76 -8.88 -12.06
C THR C 8 4.41 -7.54 -11.44
N GLN C 9 5.20 -7.14 -10.43
CA GLN C 9 4.95 -5.85 -9.82
C GLN C 9 6.22 -5.23 -9.27
N TYR C 10 6.58 -4.05 -9.79
CA TYR C 10 7.51 -3.18 -9.07
C TYR C 10 6.82 -2.82 -7.73
N ILE C 11 7.58 -3.06 -6.66
CA ILE C 11 6.96 -2.82 -5.34
C ILE C 11 7.86 -1.92 -4.54
N PRO C 12 7.61 -0.61 -4.52
CA PRO C 12 8.43 0.39 -3.91
C PRO C 12 8.61 0.46 -2.41
N ASP C 13 7.54 0.81 -1.70
CA ASP C 13 7.50 1.03 -0.27
C ASP C 13 6.67 -0.02 0.46
N GLU C 14 6.78 -0.08 1.79
CA GLU C 14 5.98 -1.04 2.56
C GLU C 14 4.52 -0.94 2.13
N PHE C 15 4.00 0.27 2.18
CA PHE C 15 2.65 0.60 1.79
C PHE C 15 2.29 -0.10 0.47
N SER C 16 3.27 -0.12 -0.44
CA SER C 16 2.92 -0.80 -1.72
C SER C 16 2.38 -2.20 -1.39
N MET C 17 3.26 -2.94 -0.71
CA MET C 17 2.94 -4.29 -0.29
C MET C 17 1.53 -4.30 0.28
N LEU C 18 1.33 -3.51 1.33
CA LEU C 18 0.01 -3.43 1.89
C LEU C 18 -1.07 -3.40 0.85
N ARG C 19 -1.00 -2.67 -0.25
CA ARG C 19 -2.07 -2.63 -1.23
C ARG C 19 -2.03 -3.82 -2.20
N PHE C 20 -0.81 -4.15 -2.60
CA PHE C 20 -0.70 -5.25 -3.53
C PHE C 20 -1.23 -6.56 -2.98
N GLY C 21 -0.93 -6.83 -1.70
CA GLY C 21 -1.37 -8.06 -1.04
C GLY C 21 -2.86 -8.18 -0.79
N LYS C 22 -3.56 -7.09 -0.56
CA LYS C 22 -5.01 -7.18 -0.32
C LYS C 22 -5.70 -7.29 -1.67
N LYS C 23 -5.04 -6.77 -2.72
CA LYS C 23 -5.53 -6.98 -4.09
C LYS C 23 -5.45 -8.50 -4.34
N PHE C 24 -4.44 -9.13 -3.74
CA PHE C 24 -4.25 -10.54 -3.91
C PHE C 24 -5.38 -11.43 -3.43
N ALA C 25 -5.79 -11.38 -2.16
CA ALA C 25 -6.79 -12.35 -1.69
C ALA C 25 -8.23 -11.95 -1.84
N GLU C 26 -8.57 -10.65 -1.88
CA GLU C 26 -9.99 -10.31 -2.08
C GLU C 26 -10.43 -11.11 -3.32
N ILE C 27 -9.69 -10.98 -4.42
CA ILE C 27 -10.05 -11.81 -5.57
C ILE C 27 -10.17 -13.27 -5.20
N LEU C 28 -9.41 -13.79 -4.24
CA LEU C 28 -9.52 -15.16 -3.76
C LEU C 28 -10.76 -15.41 -2.89
N LEU C 29 -11.29 -14.30 -2.40
CA LEU C 29 -12.53 -14.32 -1.62
C LEU C 29 -13.64 -14.27 -2.70
N LYS C 30 -13.27 -13.73 -3.86
CA LYS C 30 -14.24 -13.59 -4.96
C LYS C 30 -14.36 -14.94 -5.64
N LEU C 31 -13.23 -15.47 -6.11
CA LEU C 31 -13.26 -16.76 -6.70
C LEU C 31 -13.70 -17.65 -5.55
N HIS C 32 -14.88 -18.26 -5.62
CA HIS C 32 -15.25 -19.14 -4.52
C HIS C 32 -14.37 -20.40 -4.52
N THR C 33 -14.76 -21.42 -3.70
CA THR C 33 -13.93 -22.66 -3.53
C THR C 33 -14.59 -23.98 -3.91
N GLU C 34 -13.94 -24.74 -4.79
CA GLU C 34 -14.39 -26.09 -5.20
C GLU C 34 -13.36 -27.17 -4.77
N LYS C 35 -12.26 -27.02 -5.51
CA LYS C 35 -11.03 -27.72 -5.27
C LYS C 35 -10.05 -26.61 -4.81
N ALA C 36 -9.54 -26.89 -3.61
CA ALA C 36 -8.65 -26.10 -2.88
C ALA C 36 -7.56 -25.36 -3.65
N ILE C 37 -7.24 -24.27 -2.95
CA ILE C 37 -6.35 -23.20 -3.35
C ILE C 37 -5.00 -23.39 -2.67
N MET C 38 -3.96 -23.25 -3.50
CA MET C 38 -2.60 -23.25 -2.98
C MET C 38 -1.79 -22.09 -3.57
N VAL C 39 -1.31 -21.21 -2.69
CA VAL C 39 -0.41 -20.13 -3.07
C VAL C 39 0.91 -20.38 -2.32
N TYR C 40 2.07 -20.21 -2.95
CA TYR C 40 3.32 -20.46 -2.23
C TYR C 40 4.18 -19.23 -2.01
N LEU C 41 3.86 -18.48 -0.95
CA LEU C 41 4.64 -17.28 -0.64
C LEU C 41 6.12 -17.67 -0.63
N ASN C 42 6.86 -17.47 -1.71
CA ASN C 42 8.28 -17.80 -1.72
C ASN C 42 9.13 -16.53 -1.87
N GLY C 43 10.01 -16.35 -0.88
CA GLY C 43 10.84 -15.15 -0.93
C GLY C 43 12.09 -15.34 -0.07
N ASP C 44 12.98 -14.35 -0.21
CA ASP C 44 14.16 -14.25 0.63
C ASP C 44 13.81 -13.81 2.04
N LEU C 45 14.39 -14.48 3.05
CA LEU C 45 14.00 -14.09 4.41
C LEU C 45 14.33 -12.63 4.60
N GLY C 46 13.27 -11.83 4.52
CA GLY C 46 13.38 -10.38 4.54
C GLY C 46 12.99 -9.84 3.14
N ALA C 47 12.49 -10.79 2.32
CA ALA C 47 12.10 -10.41 0.96
C ALA C 47 10.75 -9.71 1.01
N GLY C 48 10.02 -9.97 2.11
CA GLY C 48 8.78 -9.29 2.42
C GLY C 48 7.61 -10.23 2.62
N LYS C 49 7.78 -11.55 2.57
CA LYS C 49 6.63 -12.44 2.62
C LYS C 49 5.60 -12.04 3.69
N THR C 50 6.17 -11.57 4.79
CA THR C 50 5.33 -11.27 5.94
C THR C 50 4.43 -10.09 5.70
N THR C 51 4.95 -8.96 5.21
CA THR C 51 4.07 -7.83 4.93
C THR C 51 3.03 -8.20 3.87
N LEU C 52 3.33 -9.17 3.03
CA LEU C 52 2.30 -9.56 2.02
C LEU C 52 1.11 -10.07 2.85
N THR C 53 1.41 -11.00 3.77
CA THR C 53 0.36 -11.56 4.57
C THR C 53 -0.40 -10.47 5.30
N ARG C 54 0.33 -9.51 5.84
CA ARG C 54 -0.27 -8.39 6.56
C ARG C 54 -1.14 -7.49 5.68
N GLY C 55 -0.56 -6.89 4.63
CA GLY C 55 -1.41 -6.03 3.76
C GLY C 55 -2.52 -6.94 3.19
N MET C 56 -2.07 -8.16 2.93
CA MET C 56 -2.94 -9.21 2.44
C MET C 56 -4.01 -9.61 3.43
N LEU C 57 -3.71 -10.17 4.61
CA LEU C 57 -4.77 -10.56 5.54
C LEU C 57 -5.40 -9.43 6.33
N GLN C 58 -4.68 -8.36 6.60
CA GLN C 58 -5.13 -7.23 7.37
C GLN C 58 -6.11 -6.35 6.59
N GLY C 59 -5.88 -6.24 5.31
CA GLY C 59 -6.79 -5.58 4.40
C GLY C 59 -8.16 -6.24 4.31
N ILE C 60 -8.28 -7.56 4.47
CA ILE C 60 -9.57 -8.27 4.43
C ILE C 60 -10.38 -7.88 5.69
N GLY C 61 -10.08 -8.50 6.83
CA GLY C 61 -10.66 -8.19 8.10
C GLY C 61 -9.83 -8.26 9.37
N HIS C 62 -8.62 -8.85 9.38
CA HIS C 62 -7.81 -9.12 10.52
C HIS C 62 -7.33 -7.86 11.23
N GLN C 63 -7.56 -7.84 12.53
CA GLN C 63 -7.17 -6.73 13.38
C GLN C 63 -6.54 -7.22 14.67
N GLY C 64 -6.46 -8.56 14.78
CA GLY C 64 -5.55 -9.09 15.88
C GLY C 64 -4.19 -8.75 15.21
N ASN C 65 -3.08 -9.11 15.82
CA ASN C 65 -1.84 -8.89 14.99
C ASN C 65 -1.86 -10.06 14.02
N VAL C 66 -1.54 -9.91 12.73
CA VAL C 66 -1.66 -11.23 12.00
C VAL C 66 -0.57 -12.05 12.68
N LYS C 67 -0.88 -13.20 13.23
CA LYS C 67 0.09 -13.98 14.03
C LYS C 67 1.20 -14.62 13.25
N SER C 68 2.29 -15.14 13.83
CA SER C 68 3.43 -15.72 13.09
C SER C 68 3.49 -17.23 13.33
N PRO C 69 2.98 -18.04 12.39
CA PRO C 69 2.94 -19.46 12.41
C PRO C 69 4.12 -20.38 12.62
N THR C 70 5.32 -20.01 12.91
CA THR C 70 6.55 -20.70 13.12
C THR C 70 6.61 -22.02 13.86
N TYR C 71 6.36 -22.05 15.16
CA TYR C 71 6.43 -23.30 15.93
C TYR C 71 5.16 -24.11 15.73
N THR C 72 4.12 -23.43 15.26
CA THR C 72 2.75 -23.81 15.13
C THR C 72 2.53 -24.67 13.87
N LEU C 73 3.27 -24.23 12.85
CA LEU C 73 3.14 -24.88 11.56
C LEU C 73 1.85 -24.43 10.86
N VAL C 74 1.05 -23.56 11.51
CA VAL C 74 -0.23 -23.12 10.95
C VAL C 74 -0.94 -21.96 11.67
N GLU C 75 -1.77 -21.18 10.97
CA GLU C 75 -2.54 -20.06 11.54
C GLU C 75 -3.77 -19.80 10.65
N GLU C 76 -4.96 -19.76 11.23
CA GLU C 76 -6.21 -19.60 10.47
C GLU C 76 -7.12 -18.53 11.05
N TYR C 77 -7.93 -17.88 10.20
CA TYR C 77 -8.83 -16.83 10.65
C TYR C 77 -10.10 -16.88 9.82
N ASN C 78 -11.25 -16.50 10.38
CA ASN C 78 -12.45 -16.44 9.57
C ASN C 78 -12.82 -14.98 9.27
N ILE C 79 -12.67 -14.65 7.98
CA ILE C 79 -13.09 -13.41 7.36
C ILE C 79 -14.00 -13.75 6.16
N ALA C 80 -15.21 -13.24 6.05
CA ALA C 80 -16.07 -13.45 4.92
C ALA C 80 -16.27 -14.80 4.28
N GLY C 81 -16.34 -15.91 4.98
CA GLY C 81 -16.69 -17.20 4.43
C GLY C 81 -15.44 -17.96 3.99
N LYS C 82 -14.31 -17.41 4.43
CA LYS C 82 -13.02 -17.99 4.12
C LYS C 82 -12.22 -18.03 5.43
N MET C 83 -11.91 -19.25 5.88
CA MET C 83 -11.03 -19.34 7.06
C MET C 83 -9.57 -19.48 6.62
N ILE C 84 -9.01 -18.33 6.24
CA ILE C 84 -7.68 -18.11 5.73
C ILE C 84 -6.63 -19.00 6.37
N TYR C 85 -5.90 -19.76 5.57
CA TYR C 85 -4.94 -20.66 6.19
C TYR C 85 -3.52 -20.19 6.05
N HIS C 86 -2.89 -19.79 7.17
CA HIS C 86 -1.47 -19.45 7.08
C HIS C 86 -0.57 -20.66 7.33
N PHE C 87 0.42 -20.91 6.49
CA PHE C 87 1.24 -22.05 6.78
C PHE C 87 2.67 -21.56 6.76
N ASP C 88 3.31 -21.79 7.88
CA ASP C 88 4.78 -21.72 7.77
C ASP C 88 5.25 -23.17 7.83
N LEU C 89 5.63 -23.74 6.69
CA LEU C 89 6.03 -25.15 6.65
C LEU C 89 7.55 -25.17 6.75
N TYR C 90 8.15 -24.10 7.29
CA TYR C 90 9.59 -24.11 7.41
C TYR C 90 10.18 -25.04 8.44
N ARG C 91 9.71 -25.05 9.69
CA ARG C 91 10.21 -25.85 10.78
C ARG C 91 10.03 -27.34 10.43
N LEU C 92 9.02 -27.65 9.67
CA LEU C 92 8.67 -29.01 9.24
C LEU C 92 9.91 -29.76 8.79
N ALA C 93 10.20 -30.87 9.47
CA ALA C 93 11.36 -31.69 9.08
C ALA C 93 10.92 -32.79 8.13
N ASP C 94 9.61 -33.05 7.96
CA ASP C 94 9.00 -34.08 7.10
C ASP C 94 7.52 -34.01 6.74
N PRO C 95 7.06 -34.75 5.70
CA PRO C 95 5.74 -34.72 5.11
C PRO C 95 4.58 -35.21 5.97
N GLU C 96 5.04 -36.08 6.87
CA GLU C 96 4.16 -36.84 7.74
C GLU C 96 3.22 -35.92 8.49
N GLU C 97 3.76 -34.88 9.09
CA GLU C 97 3.00 -33.93 9.88
C GLU C 97 1.91 -33.26 9.05
N LEU C 98 2.30 -32.97 7.82
CA LEU C 98 1.42 -32.32 6.85
C LEU C 98 0.07 -33.05 6.78
N GLU C 99 0.11 -34.34 7.11
CA GLU C 99 -1.10 -35.14 7.13
C GLU C 99 -1.91 -34.93 8.39
N PHE C 100 -1.36 -34.28 9.41
CA PHE C 100 -2.07 -34.05 10.67
C PHE C 100 -2.99 -32.87 10.74
N MET C 101 -2.48 -31.68 10.41
CA MET C 101 -3.35 -30.51 10.45
C MET C 101 -4.37 -30.52 9.33
N GLY C 102 -4.06 -30.77 8.06
CA GLY C 102 -5.00 -30.82 6.98
C GLY C 102 -6.25 -31.67 7.04
N ILE C 103 -6.40 -32.54 8.01
CA ILE C 103 -7.45 -33.49 8.25
C ILE C 103 -8.65 -32.94 9.03
N ARG C 104 -8.42 -31.94 9.88
CA ARG C 104 -9.66 -31.39 10.53
C ARG C 104 -10.39 -30.78 9.33
N ASP C 105 -9.75 -29.79 8.73
CA ASP C 105 -10.12 -29.19 7.46
C ASP C 105 -9.01 -28.19 7.10
N TYR C 106 -8.31 -28.32 6.00
CA TYR C 106 -7.27 -27.31 5.73
C TYR C 106 -7.24 -26.92 4.28
N PHE C 107 -7.54 -27.91 3.45
CA PHE C 107 -7.62 -27.78 2.01
C PHE C 107 -9.01 -28.24 1.54
N ASN C 108 -9.91 -28.40 2.54
CA ASN C 108 -11.28 -28.65 2.08
C ASN C 108 -11.79 -27.33 1.46
N THR C 109 -13.10 -27.46 1.26
CA THR C 109 -13.83 -26.32 0.82
C THR C 109 -13.58 -25.09 1.71
N ASP C 110 -13.51 -24.00 0.93
CA ASP C 110 -13.36 -22.65 1.48
C ASP C 110 -11.99 -22.55 2.16
N SER C 111 -11.10 -23.34 1.53
CA SER C 111 -9.74 -23.36 2.06
C SER C 111 -8.90 -22.46 1.17
N ILE C 112 -8.96 -21.16 1.51
CA ILE C 112 -8.02 -20.22 0.86
C ILE C 112 -6.70 -20.59 1.60
N CYS C 113 -5.84 -21.38 0.99
CA CYS C 113 -4.64 -21.88 1.69
C CYS C 113 -3.42 -21.03 1.33
N LEU C 114 -2.69 -20.46 2.28
CA LEU C 114 -1.62 -19.48 2.20
C LEU C 114 -0.39 -19.92 3.00
N ILE C 115 0.58 -20.37 2.25
CA ILE C 115 1.77 -21.05 2.71
C ILE C 115 3.12 -20.44 2.56
N GLU C 116 4.11 -20.79 3.41
CA GLU C 116 5.52 -20.46 3.31
C GLU C 116 6.45 -21.69 3.32
N TRP C 117 7.73 -21.43 3.06
CA TRP C 117 8.79 -22.40 2.93
C TRP C 117 8.39 -23.65 2.16
N SER C 118 7.49 -23.48 1.23
CA SER C 118 6.97 -24.40 0.27
C SER C 118 7.82 -25.57 -0.13
N GLU C 119 9.15 -25.45 -0.17
CA GLU C 119 10.01 -26.54 -0.59
C GLU C 119 9.76 -27.80 0.22
N LYS C 120 9.41 -27.63 1.47
CA LYS C 120 9.10 -28.72 2.36
C LYS C 120 7.91 -29.56 1.91
N GLY C 121 6.71 -29.02 2.05
CA GLY C 121 5.47 -29.62 1.76
C GLY C 121 5.21 -30.16 0.38
N GLN C 122 6.01 -31.13 -0.04
CA GLN C 122 5.89 -31.66 -1.38
C GLN C 122 4.73 -32.60 -1.58
N GLY C 123 3.96 -33.00 -0.55
CA GLY C 123 2.94 -34.00 -0.86
C GLY C 123 1.53 -33.65 -0.46
N ILE C 124 1.31 -33.86 0.84
CA ILE C 124 -0.04 -33.66 1.38
C ILE C 124 -0.54 -32.29 0.94
N LEU C 125 0.30 -31.27 0.94
CA LEU C 125 -0.20 -29.96 0.49
C LEU C 125 -0.35 -30.02 -1.03
N PRO C 126 -1.42 -29.25 -1.58
CA PRO C 126 -1.82 -29.19 -3.04
C PRO C 126 -0.73 -28.63 -3.88
N GLU C 127 -1.01 -28.37 -5.16
CA GLU C 127 -0.12 -27.66 -6.07
C GLU C 127 -0.40 -26.19 -5.99
N ALA C 128 0.64 -25.36 -6.00
CA ALA C 128 0.33 -23.93 -5.93
C ALA C 128 -0.46 -23.63 -7.21
N ASP C 129 -1.78 -23.53 -7.09
CA ASP C 129 -2.53 -22.96 -8.23
C ASP C 129 -1.73 -21.71 -8.63
N ILE C 130 -1.62 -20.75 -7.70
CA ILE C 130 -0.80 -19.57 -7.92
C ILE C 130 0.59 -19.73 -7.29
N LEU C 131 1.39 -18.69 -7.55
CA LEU C 131 2.73 -18.62 -7.02
C LEU C 131 3.13 -17.17 -6.75
N VAL C 132 3.53 -16.91 -5.53
CA VAL C 132 3.87 -15.55 -5.11
C VAL C 132 5.35 -15.58 -4.69
N ASN C 133 6.21 -15.16 -5.56
CA ASN C 133 7.65 -15.28 -5.38
C ASN C 133 8.34 -13.93 -5.22
N ILE C 134 8.32 -13.27 -4.09
CA ILE C 134 8.95 -12.01 -3.82
C ILE C 134 10.41 -11.81 -4.14
N ASP C 135 10.81 -10.53 -4.33
CA ASP C 135 12.19 -10.21 -4.65
C ASP C 135 12.69 -8.91 -4.05
N TYR C 136 13.91 -8.85 -3.52
CA TYR C 136 14.37 -7.61 -2.89
C TYR C 136 15.80 -7.19 -3.09
N TYR C 137 16.02 -5.84 -3.12
CA TYR C 137 17.38 -5.36 -3.23
C TYR C 137 17.81 -4.33 -2.21
N ASP C 138 17.11 -3.20 -2.15
CA ASP C 138 17.54 -2.16 -1.22
C ASP C 138 16.40 -1.94 -0.24
N ASP C 139 15.36 -1.39 -0.84
CA ASP C 139 14.15 -1.21 -0.01
C ASP C 139 13.11 -1.96 -0.85
N ALA C 140 13.57 -2.17 -2.07
CA ALA C 140 12.72 -2.65 -3.11
C ALA C 140 12.14 -4.06 -3.00
N ARG C 141 11.01 -4.21 -3.70
CA ARG C 141 10.35 -5.47 -3.90
C ARG C 141 9.74 -5.53 -5.32
N ASN C 142 9.76 -6.71 -5.91
CA ASN C 142 9.14 -7.03 -7.19
C ASN C 142 8.43 -8.40 -7.07
N ILE C 143 7.17 -8.50 -7.53
CA ILE C 143 6.35 -9.67 -7.38
C ILE C 143 6.08 -10.54 -8.59
N GLU C 144 6.34 -11.83 -8.43
CA GLU C 144 6.43 -12.92 -9.33
C GLU C 144 5.28 -13.89 -9.56
N LEU C 145 4.04 -13.49 -9.44
CA LEU C 145 2.95 -14.44 -9.67
C LEU C 145 3.13 -15.43 -10.80
N ILE C 146 3.48 -16.68 -10.53
CA ILE C 146 3.38 -17.67 -11.61
C ILE C 146 2.07 -18.41 -11.28
N ALA C 147 1.04 -18.09 -12.05
CA ALA C 147 -0.28 -18.68 -11.88
C ALA C 147 -0.44 -20.02 -12.62
N GLN C 148 -0.59 -21.09 -11.84
CA GLN C 148 -0.55 -22.44 -12.36
C GLN C 148 -1.89 -23.11 -12.47
N THR C 149 -3.01 -22.39 -12.46
CA THR C 149 -4.28 -23.14 -12.57
C THR C 149 -5.28 -22.34 -13.39
N ASN C 150 -6.40 -22.99 -13.72
CA ASN C 150 -7.58 -22.35 -14.31
C ASN C 150 -8.21 -21.42 -13.28
N LEU C 151 -7.98 -21.71 -11.99
CA LEU C 151 -8.33 -20.83 -10.89
C LEU C 151 -7.12 -19.89 -10.66
N GLY C 152 -5.93 -20.33 -11.05
CA GLY C 152 -4.72 -19.54 -10.91
C GLY C 152 -4.71 -18.47 -12.00
N LYS C 153 -4.70 -18.93 -13.25
CA LYS C 153 -4.73 -18.02 -14.39
C LYS C 153 -5.85 -16.99 -14.32
N ASN C 154 -6.87 -17.26 -13.51
CA ASN C 154 -8.04 -16.42 -13.38
C ASN C 154 -7.84 -15.31 -12.36
N ILE C 155 -7.07 -15.64 -11.33
CA ILE C 155 -6.84 -14.62 -10.27
C ILE C 155 -5.95 -13.56 -10.90
N ILE C 156 -4.84 -14.03 -11.43
CA ILE C 156 -3.88 -13.25 -12.18
C ILE C 156 -4.62 -12.32 -13.17
N SER C 157 -5.61 -12.95 -13.81
CA SER C 157 -6.34 -12.26 -14.87
C SER C 157 -7.48 -11.43 -14.29
N ALA C 158 -7.90 -11.81 -13.06
CA ALA C 158 -8.93 -10.99 -12.39
C ALA C 158 -8.22 -9.69 -11.99
N PHE C 159 -6.90 -9.86 -11.79
CA PHE C 159 -5.96 -8.84 -11.42
C PHE C 159 -6.05 -7.62 -12.35
N SER C 160 -5.53 -7.81 -13.56
CA SER C 160 -5.59 -6.75 -14.57
C SER C 160 -6.14 -7.24 -15.91
HG HG D . 0.18 11.98 -26.83
HG HG E . -6.44 13.94 29.92
HG HG F . -4.52 -25.57 2.47
#